data_6FBW
#
_entry.id   6FBW
#
_cell.length_a   62.878
_cell.length_b   70.240
_cell.length_c   128.459
_cell.angle_alpha   90.000
_cell.angle_beta   90.000
_cell.angle_gamma   90.000
#
_symmetry.space_group_name_H-M   'P 21 21 21'
#
loop_
_entity.id
_entity.type
_entity.pdbx_description
1 polymer '14-3-3 protein sigma'
2 polymer ARG-THR-PRO-SEP-LEU-PRO-GLY
3 non-polymer 'CHLORIDE ION'
4 non-polymer 'SODIUM ION'
5 non-polymer (2~{R})-2-[(~{S})-(3-methoxyphenyl)-phenyl-methyl]pyrrolidine
6 water water
#
loop_
_entity_poly.entity_id
_entity_poly.type
_entity_poly.pdbx_seq_one_letter_code
_entity_poly.pdbx_strand_id
1 'polypeptide(L)'
;GAMGSMERASLIQKAKLAEQAERYEDMAAFMKGAVEKGEELSCEERNLLSVAYKNVVGGQRAAWRVLSSIEQKSNEEGSE
EKGPEVREYREKVETELQGVCDTVLGLLDSHLIKEAGDAESRVFYLKMKGDYYRYLAEVATGDDKKRIIDSARSAYQEAM
DISKKEMPPTNPIRLGLALNFSVFHYEIANSPEEAISLAKTTFDEAMADLHTLSEDSYKDSTLIMQLLRDNLTLWT
;
A,C
2 'polypeptide(L)' RTP(SEP)LPG B,D
#
loop_
_chem_comp.id
_chem_comp.type
_chem_comp.name
_chem_comp.formula
CL non-polymer 'CHLORIDE ION' 'Cl -1'
D4K non-polymer (2~{R})-2-[(~{S})-(3-methoxyphenyl)-phenyl-methyl]pyrrolidine 'C18 H21 N O'
NA non-polymer 'SODIUM ION' 'Na 1'
#
# COMPACT_ATOMS: atom_id res chain seq x y z
N GLY A 1 19.81 7.15 1.89
CA GLY A 1 19.61 7.38 0.43
C GLY A 1 20.59 8.39 -0.12
N ALA A 2 20.56 8.57 -1.45
CA ALA A 2 21.54 9.40 -2.15
C ALA A 2 21.47 10.87 -1.75
N MET A 3 20.34 11.32 -1.18
CA MET A 3 20.20 12.71 -0.75
C MET A 3 20.45 12.90 0.74
N GLY A 4 20.72 11.82 1.47
CA GLY A 4 20.83 11.91 2.91
C GLY A 4 21.95 12.82 3.42
N SER A 5 23.02 12.94 2.66
CA SER A 5 24.13 13.77 3.09
C SER A 5 24.00 15.22 2.66
N MET A 6 22.95 15.59 1.95
CA MET A 6 22.79 16.95 1.45
C MET A 6 21.91 17.77 2.39
N GLU A 7 22.29 19.03 2.59
CA GLU A 7 21.49 19.94 3.39
C GLU A 7 20.10 20.13 2.80
N ARG A 8 19.11 20.24 3.68
CA ARG A 8 17.74 20.54 3.26
C ARG A 8 17.68 21.75 2.34
N ALA A 9 18.34 22.85 2.71
CA ALA A 9 18.26 24.06 1.92
C ALA A 9 18.89 23.86 0.55
N SER A 10 19.94 23.04 0.49
CA SER A 10 20.57 22.78 -0.80
CA SER A 10 20.57 22.78 -0.80
C SER A 10 19.69 21.92 -1.69
N LEU A 11 18.95 20.99 -1.10
CA LEU A 11 18.00 20.19 -1.86
C LEU A 11 16.91 21.07 -2.46
N ILE A 12 16.36 22.01 -1.67
N ILE A 12 16.39 22.03 -1.69
CA ILE A 12 15.35 22.93 -2.15
CA ILE A 12 15.33 22.88 -2.22
C ILE A 12 15.92 23.80 -3.28
C ILE A 12 15.89 23.84 -3.27
N GLN A 13 17.11 24.34 -3.06
CA GLN A 13 17.75 25.17 -4.07
C GLN A 13 17.94 24.40 -5.38
N LYS A 14 18.40 23.15 -5.29
CA LYS A 14 18.61 22.35 -6.49
C LYS A 14 17.31 21.94 -7.14
N ALA A 15 16.24 21.73 -6.36
CA ALA A 15 14.93 21.49 -6.95
C ALA A 15 14.51 22.67 -7.83
N LYS A 16 14.79 23.89 -7.37
CA LYS A 16 14.44 25.07 -8.15
C LYS A 16 15.29 25.17 -9.42
N LEU A 17 16.58 24.81 -9.32
CA LEU A 17 17.43 24.79 -10.51
C LEU A 17 16.97 23.72 -11.48
N ALA A 18 16.60 22.55 -10.98
CA ALA A 18 16.11 21.47 -11.83
C ALA A 18 14.85 21.90 -12.58
N GLU A 19 13.97 22.63 -11.89
CA GLU A 19 12.77 23.14 -12.55
C GLU A 19 13.15 24.07 -13.69
N GLN A 20 14.10 24.98 -13.46
CA GLN A 20 14.54 25.92 -14.50
C GLN A 20 15.11 25.18 -15.70
N ALA A 21 15.77 24.05 -15.46
CA ALA A 21 16.35 23.23 -16.50
C ALA A 21 15.37 22.18 -17.05
N GLU A 22 14.12 22.20 -16.56
CA GLU A 22 13.09 21.24 -16.99
CA GLU A 22 13.09 21.24 -16.96
C GLU A 22 13.54 19.79 -16.76
N ARG A 23 14.23 19.56 -15.67
CA ARG A 23 14.73 18.24 -15.28
C ARG A 23 13.86 17.77 -14.12
N TYR A 24 12.67 17.31 -14.46
CA TYR A 24 11.67 17.06 -13.41
C TYR A 24 11.93 15.79 -12.61
N GLU A 25 12.56 14.77 -13.19
CA GLU A 25 12.96 13.63 -12.38
CA GLU A 25 12.97 13.63 -12.39
C GLU A 25 13.95 14.06 -11.30
N ASP A 26 14.94 14.87 -11.67
CA ASP A 26 15.87 15.39 -10.67
C ASP A 26 15.12 16.23 -9.63
N MET A 27 14.24 17.10 -10.10
CA MET A 27 13.48 17.97 -9.21
C MET A 27 12.73 17.15 -8.17
N ALA A 28 12.08 16.09 -8.63
CA ALA A 28 11.31 15.23 -7.73
C ALA A 28 12.22 14.55 -6.73
N ALA A 29 13.39 14.08 -7.17
CA ALA A 29 14.31 13.38 -6.27
C ALA A 29 14.85 14.33 -5.21
N PHE A 30 15.13 15.59 -5.58
CA PHE A 30 15.57 16.58 -4.61
C PHE A 30 14.47 16.88 -3.60
N MET A 31 13.24 17.07 -4.07
CA MET A 31 12.15 17.35 -3.16
C MET A 31 11.84 16.16 -2.25
N LYS A 32 11.95 14.94 -2.77
CA LYS A 32 11.80 13.76 -1.92
C LYS A 32 12.85 13.78 -0.79
N GLY A 33 14.10 14.08 -1.14
CA GLY A 33 15.13 14.18 -0.11
C GLY A 33 14.82 15.25 0.91
N ALA A 34 14.27 16.37 0.46
CA ALA A 34 13.90 17.43 1.39
C ALA A 34 12.80 16.97 2.34
N VAL A 35 11.78 16.30 1.80
CA VAL A 35 10.71 15.75 2.64
C VAL A 35 11.29 14.83 3.71
N GLU A 36 12.28 14.01 3.34
CA GLU A 36 12.85 13.01 4.24
C GLU A 36 13.69 13.62 5.35
N LYS A 37 13.94 14.92 5.32
CA LYS A 37 14.57 15.58 6.46
C LYS A 37 13.63 15.68 7.65
N GLY A 38 12.33 15.48 7.44
CA GLY A 38 11.40 15.38 8.53
C GLY A 38 10.77 16.66 9.00
N GLU A 39 11.04 17.77 8.34
CA GLU A 39 10.41 19.04 8.68
C GLU A 39 9.22 19.27 7.76
N GLU A 40 8.21 19.99 8.26
N GLU A 40 8.20 19.96 8.28
CA GLU A 40 7.05 20.30 7.43
CA GLU A 40 7.06 20.33 7.44
C GLU A 40 7.44 21.22 6.28
C GLU A 40 7.56 21.10 6.23
N LEU A 41 6.81 21.01 5.12
CA LEU A 41 7.05 21.82 3.94
C LEU A 41 6.25 23.11 4.02
N SER A 42 6.88 24.19 3.59
CA SER A 42 6.19 25.45 3.44
C SER A 42 5.26 25.39 2.23
N CYS A 43 4.45 26.42 2.08
N CYS A 43 4.44 26.43 2.09
CA CYS A 43 3.57 26.49 0.92
CA CYS A 43 3.56 26.53 0.93
C CYS A 43 4.36 26.40 -0.37
C CYS A 43 4.35 26.43 -0.37
N GLU A 44 5.43 27.19 -0.48
CA GLU A 44 6.25 27.17 -1.69
C GLU A 44 6.83 25.78 -1.91
N GLU A 45 7.29 25.14 -0.84
CA GLU A 45 7.89 23.81 -0.98
C GLU A 45 6.86 22.76 -1.38
N ARG A 46 5.64 22.82 -0.83
CA ARG A 46 4.58 21.92 -1.28
C ARG A 46 4.34 22.04 -2.77
N ASN A 47 4.33 23.26 -3.30
CA ASN A 47 4.14 23.46 -4.73
C ASN A 47 5.31 22.89 -5.53
N LEU A 48 6.54 23.01 -5.04
CA LEU A 48 7.66 22.41 -5.74
C LEU A 48 7.51 20.89 -5.81
N LEU A 49 7.19 20.27 -4.67
CA LEU A 49 6.99 18.83 -4.62
C LEU A 49 5.94 18.40 -5.63
N SER A 50 4.81 19.10 -5.64
CA SER A 50 3.70 18.73 -6.51
C SER A 50 4.06 18.90 -7.98
N VAL A 51 4.64 20.05 -8.36
N VAL A 51 4.67 20.03 -8.35
CA VAL A 51 5.01 20.29 -9.75
CA VAL A 51 4.94 20.25 -9.77
C VAL A 51 5.96 19.22 -10.24
C VAL A 51 6.01 19.27 -10.28
N ALA A 52 6.93 18.86 -9.41
CA ALA A 52 7.95 17.91 -9.84
C ALA A 52 7.29 16.58 -10.19
N TYR A 53 6.51 16.01 -9.26
CA TYR A 53 5.94 14.70 -9.52
C TYR A 53 4.85 14.76 -10.57
N LYS A 54 4.10 15.86 -10.65
N LYS A 54 4.10 15.86 -10.65
CA LYS A 54 3.10 16.02 -11.71
CA LYS A 54 3.11 16.02 -11.70
C LYS A 54 3.75 15.85 -13.07
C LYS A 54 3.74 15.85 -13.07
N ASN A 55 4.91 16.47 -13.27
CA ASN A 55 5.56 16.40 -14.57
C ASN A 55 6.09 15.01 -14.83
N VAL A 56 6.68 14.36 -13.83
CA VAL A 56 7.16 13.00 -14.02
C VAL A 56 6.00 12.09 -14.40
N VAL A 57 4.96 12.04 -13.56
CA VAL A 57 3.88 11.11 -13.84
CA VAL A 57 3.84 11.14 -13.84
C VAL A 57 3.10 11.55 -15.08
N GLY A 58 3.07 12.86 -15.37
CA GLY A 58 2.39 13.33 -16.57
C GLY A 58 3.00 12.75 -17.83
N GLY A 59 4.33 12.69 -17.90
CA GLY A 59 4.98 12.10 -19.06
C GLY A 59 4.72 10.60 -19.15
N GLN A 60 4.69 9.93 -18.00
CA GLN A 60 4.40 8.50 -17.99
C GLN A 60 2.97 8.22 -18.42
N ARG A 61 2.02 9.00 -17.92
CA ARG A 61 0.62 8.81 -18.30
C ARG A 61 0.42 9.04 -19.78
N ALA A 62 1.05 10.07 -20.32
CA ALA A 62 0.89 10.35 -21.75
C ALA A 62 1.47 9.22 -22.59
N ALA A 63 2.62 8.69 -22.19
CA ALA A 63 3.21 7.58 -22.92
C ALA A 63 2.36 6.32 -22.76
N TRP A 64 1.85 6.08 -21.56
CA TRP A 64 0.98 4.93 -21.35
C TRP A 64 -0.24 5.00 -22.26
N ARG A 65 -0.84 6.18 -22.39
CA ARG A 65 -2.01 6.32 -23.25
CA ARG A 65 -2.01 6.32 -23.25
C ARG A 65 -1.66 6.04 -24.71
N VAL A 66 -0.50 6.54 -25.18
CA VAL A 66 -0.09 6.26 -26.54
C VAL A 66 0.03 4.76 -26.75
N LEU A 67 0.74 4.08 -25.86
CA LEU A 67 0.98 2.65 -26.04
C LEU A 67 -0.29 1.84 -25.88
N SER A 68 -1.15 2.22 -24.94
CA SER A 68 -2.42 1.51 -24.77
CA SER A 68 -2.41 1.51 -24.78
C SER A 68 -3.27 1.61 -26.03
N SER A 69 -3.27 2.78 -26.68
CA SER A 69 -4.04 2.93 -27.91
CA SER A 69 -4.03 2.94 -27.91
CA SER A 69 -4.03 2.95 -27.92
C SER A 69 -3.48 2.04 -29.01
N ILE A 70 -2.16 2.00 -29.15
CA ILE A 70 -1.53 1.11 -30.13
C ILE A 70 -1.88 -0.34 -29.83
N GLU A 71 -1.83 -0.72 -28.55
CA GLU A 71 -2.14 -2.08 -28.15
C GLU A 71 -3.59 -2.42 -28.47
N GLN A 72 -4.51 -1.51 -28.18
CA GLN A 72 -5.93 -1.77 -28.43
C GLN A 72 -6.18 -1.94 -29.92
N LYS A 73 -5.51 -1.16 -30.75
CA LYS A 73 -5.68 -1.32 -32.19
C LYS A 73 -5.08 -2.63 -32.68
N SER A 74 -3.91 -3.01 -32.15
CA SER A 74 -3.31 -4.27 -32.53
C SER A 74 -4.14 -5.48 -32.10
N ASN A 75 -4.97 -5.32 -31.07
CA ASN A 75 -5.90 -6.36 -30.68
C ASN A 75 -7.17 -6.35 -31.54
N GLU A 76 -7.18 -5.59 -32.63
CA GLU A 76 -8.31 -5.57 -33.56
C GLU A 76 -9.57 -5.07 -32.87
N GLY A 83 3.34 -10.11 -32.21
CA GLY A 83 4.11 -10.60 -31.08
C GLY A 83 3.79 -9.87 -29.78
N PRO A 84 4.52 -10.23 -28.72
CA PRO A 84 4.21 -9.66 -27.40
C PRO A 84 4.77 -8.26 -27.16
N GLU A 85 5.41 -7.63 -28.14
CA GLU A 85 6.25 -6.46 -27.85
C GLU A 85 5.45 -5.26 -27.38
N VAL A 86 4.31 -4.98 -28.00
CA VAL A 86 3.53 -3.81 -27.60
C VAL A 86 3.05 -3.96 -26.16
N ARG A 87 2.52 -5.14 -25.83
CA ARG A 87 2.07 -5.39 -24.47
C ARG A 87 3.23 -5.27 -23.49
N GLU A 88 4.37 -5.88 -23.83
CA GLU A 88 5.52 -5.86 -22.93
C GLU A 88 5.94 -4.43 -22.63
N TYR A 89 5.99 -3.59 -23.66
CA TYR A 89 6.47 -2.23 -23.45
C TYR A 89 5.43 -1.39 -22.72
N ARG A 90 4.15 -1.57 -23.02
CA ARG A 90 3.11 -0.88 -22.26
C ARG A 90 3.16 -1.30 -20.80
N GLU A 91 3.41 -2.60 -20.54
CA GLU A 91 3.55 -3.05 -19.15
C GLU A 91 4.75 -2.42 -18.48
N LYS A 92 5.86 -2.26 -19.21
CA LYS A 92 7.05 -1.64 -18.63
C LYS A 92 6.74 -0.22 -18.19
N VAL A 93 6.11 0.57 -19.06
CA VAL A 93 5.78 1.94 -18.73
C VAL A 93 4.76 1.97 -17.58
N GLU A 94 3.77 1.09 -17.63
CA GLU A 94 2.77 1.00 -16.55
C GLU A 94 3.43 0.74 -15.20
N THR A 95 4.39 -0.20 -15.16
N THR A 95 4.39 -0.19 -15.17
CA THR A 95 5.04 -0.51 -13.88
CA THR A 95 5.05 -0.52 -13.91
C THR A 95 5.83 0.69 -13.37
C THR A 95 5.86 0.66 -13.37
N GLU A 96 6.51 1.41 -14.27
CA GLU A 96 7.25 2.60 -13.85
C GLU A 96 6.29 3.66 -13.31
N LEU A 97 5.16 3.84 -13.99
CA LEU A 97 4.16 4.80 -13.53
CA LEU A 97 4.16 4.81 -13.53
C LEU A 97 3.64 4.42 -12.15
N GLN A 98 3.33 3.13 -11.95
CA GLN A 98 2.85 2.68 -10.65
C GLN A 98 3.91 2.88 -9.59
N GLY A 99 5.18 2.68 -9.96
CA GLY A 99 6.25 2.94 -9.00
C GLY A 99 6.32 4.38 -8.56
N VAL A 100 6.12 5.32 -9.48
CA VAL A 100 6.15 6.72 -9.09
C VAL A 100 4.95 7.05 -8.21
N CYS A 101 3.76 6.56 -8.57
CA CYS A 101 2.60 6.81 -7.72
C CYS A 101 2.81 6.22 -6.32
N ASP A 102 3.37 5.01 -6.25
CA ASP A 102 3.65 4.41 -4.94
C ASP A 102 4.65 5.24 -4.16
N THR A 103 5.66 5.81 -4.83
CA THR A 103 6.60 6.69 -4.15
C THR A 103 5.90 7.90 -3.56
N VAL A 104 5.05 8.55 -4.34
CA VAL A 104 4.35 9.74 -3.86
C VAL A 104 3.43 9.40 -2.70
N LEU A 105 2.64 8.34 -2.87
CA LEU A 105 1.72 7.93 -1.81
C LEU A 105 2.48 7.55 -0.56
N GLY A 106 3.65 6.95 -0.72
CA GLY A 106 4.50 6.65 0.43
C GLY A 106 4.98 7.90 1.15
N LEU A 107 5.38 8.93 0.40
CA LEU A 107 5.81 10.18 1.03
C LEU A 107 4.67 10.83 1.77
N LEU A 108 3.48 10.78 1.17
CA LEU A 108 2.31 11.36 1.81
C LEU A 108 1.99 10.62 3.10
N ASP A 109 1.98 9.29 3.06
CA ASP A 109 1.59 8.51 4.22
CA ASP A 109 1.57 8.56 4.25
C ASP A 109 2.65 8.55 5.32
N SER A 110 3.93 8.46 4.95
N SER A 110 3.92 8.46 4.93
CA SER A 110 4.98 8.33 5.94
CA SER A 110 4.98 8.32 5.92
C SER A 110 5.40 9.66 6.51
C SER A 110 5.50 9.64 6.46
N HIS A 111 5.31 10.74 5.74
CA HIS A 111 5.90 12.00 6.13
C HIS A 111 4.93 13.19 6.21
N LEU A 112 3.98 13.30 5.30
CA LEU A 112 3.31 14.58 5.07
C LEU A 112 1.88 14.67 5.58
N ILE A 113 1.10 13.61 5.49
CA ILE A 113 -0.27 13.64 5.98
C ILE A 113 -0.26 13.51 7.50
N LYS A 114 -0.82 14.51 8.17
CA LYS A 114 -0.86 14.51 9.63
C LYS A 114 -2.23 14.95 10.09
N GLU A 115 -2.52 14.64 11.36
CA GLU A 115 -3.73 15.14 11.99
C GLU A 115 -3.62 16.61 12.34
N ALA A 116 -2.42 17.07 12.69
CA ALA A 116 -2.22 18.35 13.36
C ALA A 116 -1.83 19.49 12.42
N GLY A 117 -2.15 19.38 11.15
CA GLY A 117 -1.80 20.44 10.22
C GLY A 117 -2.78 21.61 10.24
N ASP A 118 -2.33 22.72 9.65
CA ASP A 118 -3.25 23.75 9.20
C ASP A 118 -4.09 23.22 8.05
N ALA A 119 -5.27 23.83 7.86
CA ALA A 119 -6.19 23.27 6.89
C ALA A 119 -5.61 23.26 5.48
N GLU A 120 -4.83 24.28 5.15
N GLU A 120 -4.88 24.31 5.11
CA GLU A 120 -4.29 24.45 3.81
CA GLU A 120 -4.35 24.35 3.76
C GLU A 120 -3.37 23.29 3.43
C GLU A 120 -3.49 23.13 3.48
N SER A 121 -2.53 22.85 4.36
CA SER A 121 -1.64 21.73 4.09
C SER A 121 -2.40 20.41 4.14
N ARG A 122 -3.30 20.24 5.11
N ARG A 122 -3.30 20.24 5.11
CA ARG A 122 -4.03 18.98 5.23
CA ARG A 122 -4.02 18.98 5.22
C ARG A 122 -4.82 18.72 3.96
C ARG A 122 -4.84 18.71 3.97
N VAL A 123 -5.54 19.73 3.46
CA VAL A 123 -6.31 19.58 2.24
C VAL A 123 -5.41 19.34 1.04
N PHE A 124 -4.31 20.09 0.95
CA PHE A 124 -3.39 19.94 -0.17
C PHE A 124 -2.91 18.50 -0.30
N TYR A 125 -2.50 17.92 0.83
CA TYR A 125 -1.92 16.58 0.77
C TYR A 125 -2.99 15.50 0.57
N LEU A 126 -4.17 15.65 1.16
CA LEU A 126 -5.22 14.67 0.93
C LEU A 126 -5.73 14.73 -0.49
N LYS A 127 -5.84 15.92 -1.08
CA LYS A 127 -6.11 16.03 -2.50
C LYS A 127 -5.05 15.28 -3.31
N MET A 128 -3.79 15.49 -2.97
CA MET A 128 -2.71 14.84 -3.70
C MET A 128 -2.84 13.32 -3.60
N LYS A 129 -3.18 12.82 -2.41
CA LYS A 129 -3.40 11.39 -2.25
C LYS A 129 -4.52 10.91 -3.18
N GLY A 130 -5.61 11.65 -3.24
CA GLY A 130 -6.67 11.30 -4.16
C GLY A 130 -6.21 11.29 -5.61
N ASP A 131 -5.43 12.30 -5.99
CA ASP A 131 -4.93 12.38 -7.36
C ASP A 131 -4.08 11.17 -7.72
N TYR A 132 -3.14 10.78 -6.84
CA TYR A 132 -2.23 9.69 -7.18
C TYR A 132 -2.91 8.34 -7.15
N TYR A 133 -3.92 8.16 -6.28
CA TYR A 133 -4.74 6.96 -6.42
C TYR A 133 -5.54 7.00 -7.72
N ARG A 134 -6.00 8.20 -8.12
CA ARG A 134 -6.70 8.30 -9.39
C ARG A 134 -5.80 7.90 -10.56
N TYR A 135 -4.53 8.30 -10.53
CA TYR A 135 -3.62 7.90 -11.60
C TYR A 135 -3.41 6.37 -11.60
N LEU A 136 -3.33 5.77 -10.41
CA LEU A 136 -3.27 4.31 -10.36
C LEU A 136 -4.56 3.70 -10.91
N ALA A 137 -5.70 4.33 -10.64
CA ALA A 137 -6.95 3.78 -11.13
C ALA A 137 -7.04 3.82 -12.64
N GLU A 138 -6.38 4.82 -13.28
CA GLU A 138 -6.43 4.92 -14.73
C GLU A 138 -5.86 3.67 -15.42
N VAL A 139 -4.92 3.00 -14.79
CA VAL A 139 -4.26 1.85 -15.39
C VAL A 139 -4.67 0.52 -14.76
N ALA A 140 -5.53 0.53 -13.75
CA ALA A 140 -5.95 -0.69 -13.06
C ALA A 140 -7.14 -1.33 -13.74
N THR A 141 -7.33 -2.61 -13.47
CA THR A 141 -8.43 -3.34 -14.09
C THR A 141 -9.19 -4.20 -13.07
N LYS A 145 -8.95 -2.46 -9.20
CA LYS A 145 -9.43 -1.14 -9.60
C LYS A 145 -10.48 -0.62 -8.62
N LYS A 146 -11.42 -1.48 -8.23
CA LYS A 146 -12.46 -1.05 -7.29
C LYS A 146 -11.86 -0.50 -6.01
N ARG A 147 -10.87 -1.22 -5.46
CA ARG A 147 -10.27 -0.82 -4.19
C ARG A 147 -9.47 0.47 -4.36
N ILE A 148 -8.77 0.62 -5.49
CA ILE A 148 -8.02 1.85 -5.74
C ILE A 148 -8.98 3.03 -5.89
N ILE A 149 -10.08 2.82 -6.62
CA ILE A 149 -11.09 3.85 -6.77
C ILE A 149 -11.62 4.28 -5.42
N ASP A 150 -11.89 3.33 -4.52
N ASP A 150 -11.90 3.32 -4.53
CA ASP A 150 -12.41 3.73 -3.22
CA ASP A 150 -12.38 3.63 -3.19
C ASP A 150 -11.36 4.45 -2.39
C ASP A 150 -11.35 4.47 -2.43
N SER A 151 -10.07 4.10 -2.54
CA SER A 151 -9.02 4.84 -1.85
C SER A 151 -8.94 6.29 -2.33
N ALA A 152 -9.04 6.51 -3.63
CA ALA A 152 -9.09 7.87 -4.15
C ALA A 152 -10.30 8.62 -3.61
N ARG A 153 -11.46 7.98 -3.66
CA ARG A 153 -12.68 8.62 -3.17
CA ARG A 153 -12.68 8.63 -3.17
C ARG A 153 -12.54 9.03 -1.71
N SER A 154 -12.01 8.11 -0.87
CA SER A 154 -11.91 8.38 0.56
CA SER A 154 -11.91 8.40 0.56
C SER A 154 -10.98 9.57 0.83
N ALA A 155 -9.87 9.67 0.10
CA ALA A 155 -8.95 10.77 0.30
C ALA A 155 -9.57 12.09 -0.15
N TYR A 156 -10.17 12.12 -1.33
CA TYR A 156 -10.84 13.32 -1.78
C TYR A 156 -11.95 13.74 -0.82
N GLN A 157 -12.70 12.76 -0.31
CA GLN A 157 -13.83 13.09 0.56
C GLN A 157 -13.35 13.69 1.88
N GLU A 158 -12.27 13.15 2.43
CA GLU A 158 -11.75 13.74 3.66
CA GLU A 158 -11.72 13.73 3.65
C GLU A 158 -11.27 15.16 3.40
N ALA A 159 -10.60 15.39 2.26
CA ALA A 159 -10.16 16.72 1.91
C ALA A 159 -11.35 17.67 1.72
N MET A 160 -12.42 17.18 1.09
CA MET A 160 -13.61 18.00 0.89
CA MET A 160 -13.61 17.98 0.89
C MET A 160 -14.22 18.40 2.22
N ASP A 161 -14.31 17.46 3.16
CA ASP A 161 -14.92 17.74 4.45
C ASP A 161 -14.15 18.82 5.18
N ILE A 162 -12.80 18.72 5.16
CA ILE A 162 -12.00 19.73 5.82
C ILE A 162 -12.17 21.07 5.11
N SER A 163 -12.16 21.06 3.78
N SER A 163 -12.13 21.07 3.78
CA SER A 163 -12.20 22.31 3.03
CA SER A 163 -12.22 22.31 3.02
C SER A 163 -13.51 23.06 3.24
C SER A 163 -13.51 23.06 3.34
N LYS A 164 -14.63 22.34 3.39
CA LYS A 164 -15.91 23.02 3.59
C LYS A 164 -16.01 23.59 4.99
N LYS A 165 -15.33 23.00 5.96
N LYS A 165 -15.35 22.99 5.97
CA LYS A 165 -15.41 23.46 7.35
CA LYS A 165 -15.38 23.48 7.33
C LYS A 165 -14.39 24.53 7.68
C LYS A 165 -14.49 24.72 7.46
N GLU A 166 -13.26 24.59 6.96
CA GLU A 166 -12.13 25.40 7.38
CA GLU A 166 -12.17 25.42 7.42
C GLU A 166 -11.69 26.46 6.38
N MET A 167 -12.22 26.43 5.16
CA MET A 167 -11.78 27.35 4.12
C MET A 167 -12.98 28.04 3.48
N PRO A 168 -12.80 29.26 2.98
CA PRO A 168 -13.88 29.93 2.26
C PRO A 168 -14.11 29.29 0.90
N PRO A 169 -15.30 29.46 0.33
CA PRO A 169 -15.61 28.81 -0.96
C PRO A 169 -14.78 29.31 -2.13
N THR A 170 -14.08 30.43 -2.00
CA THR A 170 -13.19 30.91 -3.05
C THR A 170 -11.75 30.44 -2.87
N ASN A 171 -11.43 29.74 -1.80
CA ASN A 171 -10.04 29.38 -1.54
C ASN A 171 -9.50 28.56 -2.72
N PRO A 172 -8.36 28.94 -3.32
CA PRO A 172 -7.90 28.21 -4.51
C PRO A 172 -7.61 26.74 -4.29
N ILE A 173 -7.09 26.35 -3.12
N ILE A 173 -7.10 26.35 -3.12
CA ILE A 173 -6.86 24.93 -2.85
CA ILE A 173 -6.86 24.94 -2.84
C ILE A 173 -8.19 24.19 -2.80
C ILE A 173 -8.19 24.19 -2.80
N ARG A 174 -9.19 24.75 -2.12
CA ARG A 174 -10.52 24.15 -2.11
C ARG A 174 -11.09 24.03 -3.52
N LEU A 175 -10.94 25.06 -4.35
CA LEU A 175 -11.46 25.02 -5.70
C LEU A 175 -10.78 23.95 -6.54
N GLY A 176 -9.45 23.85 -6.45
CA GLY A 176 -8.75 22.85 -7.21
C GLY A 176 -9.08 21.43 -6.79
N LEU A 177 -9.29 21.22 -5.49
CA LEU A 177 -9.76 19.93 -4.99
C LEU A 177 -11.12 19.58 -5.59
N ALA A 178 -12.05 20.54 -5.59
CA ALA A 178 -13.36 20.27 -6.16
C ALA A 178 -13.26 19.97 -7.64
N LEU A 179 -12.40 20.70 -8.35
N LEU A 179 -12.39 20.69 -8.34
CA LEU A 179 -12.19 20.41 -9.76
CA LEU A 179 -12.19 20.41 -9.76
C LEU A 179 -11.75 18.97 -9.96
C LEU A 179 -11.74 18.97 -9.97
N ASN A 180 -10.75 18.53 -9.20
CA ASN A 180 -10.22 17.19 -9.43
C ASN A 180 -11.16 16.11 -8.92
N PHE A 181 -11.86 16.35 -7.81
CA PHE A 181 -12.82 15.36 -7.36
C PHE A 181 -13.95 15.21 -8.37
N SER A 182 -14.36 16.31 -9.00
CA SER A 182 -15.39 16.22 -10.02
CA SER A 182 -15.38 16.26 -10.04
C SER A 182 -14.88 15.45 -11.24
N VAL A 183 -13.62 15.64 -11.62
CA VAL A 183 -13.03 14.84 -12.70
C VAL A 183 -13.01 13.37 -12.31
N PHE A 184 -12.66 13.08 -11.04
CA PHE A 184 -12.73 11.71 -10.55
C PHE A 184 -14.12 11.13 -10.75
N HIS A 185 -15.16 11.87 -10.34
CA HIS A 185 -16.52 11.36 -10.50
C HIS A 185 -16.83 11.08 -11.96
N TYR A 186 -16.43 11.99 -12.85
CA TYR A 186 -16.79 11.87 -14.27
C TYR A 186 -16.01 10.77 -14.97
N GLU A 187 -14.69 10.75 -14.76
CA GLU A 187 -13.78 9.93 -15.57
C GLU A 187 -13.48 8.55 -14.97
N ILE A 188 -13.56 8.41 -13.65
CA ILE A 188 -13.13 7.21 -12.96
C ILE A 188 -14.31 6.45 -12.35
N ALA A 189 -15.19 7.17 -11.67
CA ALA A 189 -16.21 6.58 -10.82
C ALA A 189 -17.55 6.39 -11.53
N ASN A 190 -17.64 6.73 -12.82
CA ASN A 190 -18.87 6.53 -13.59
C ASN A 190 -20.04 7.26 -12.96
N SER A 191 -19.78 8.47 -12.47
CA SER A 191 -20.78 9.28 -11.78
C SER A 191 -20.84 10.68 -12.39
N PRO A 192 -21.20 10.79 -13.67
CA PRO A 192 -21.18 12.11 -14.30
C PRO A 192 -22.16 13.10 -13.70
N GLU A 193 -23.33 12.63 -13.24
CA GLU A 193 -24.28 13.53 -12.59
C GLU A 193 -23.68 14.17 -11.35
N GLU A 194 -22.99 13.37 -10.52
CA GLU A 194 -22.31 13.91 -9.34
C GLU A 194 -21.20 14.87 -9.74
N ALA A 195 -20.45 14.53 -10.79
CA ALA A 195 -19.38 15.41 -11.27
C ALA A 195 -19.95 16.77 -11.66
N ILE A 196 -21.04 16.76 -12.40
CA ILE A 196 -21.66 18.01 -12.87
C ILE A 196 -22.22 18.80 -11.69
N SER A 197 -22.92 18.14 -10.77
CA SER A 197 -23.45 18.83 -9.61
CA SER A 197 -23.45 18.82 -9.60
C SER A 197 -22.35 19.47 -8.79
N LEU A 198 -21.24 18.75 -8.57
CA LEU A 198 -20.15 19.28 -7.77
C LEU A 198 -19.51 20.49 -8.45
N ALA A 199 -19.27 20.39 -9.75
CA ALA A 199 -18.65 21.52 -10.45
C ALA A 199 -19.57 22.74 -10.40
N LYS A 200 -20.87 22.52 -10.62
N LYS A 200 -20.88 22.53 -10.55
CA LYS A 200 -21.85 23.61 -10.59
CA LYS A 200 -21.81 23.66 -10.60
C LYS A 200 -21.87 24.29 -9.24
C LYS A 200 -21.97 24.33 -9.24
N THR A 201 -22.15 23.53 -8.18
CA THR A 201 -22.28 24.16 -6.88
CA THR A 201 -22.26 24.12 -6.85
C THR A 201 -20.98 24.83 -6.46
N THR A 202 -19.83 24.22 -6.78
CA THR A 202 -18.56 24.84 -6.43
C THR A 202 -18.41 26.17 -7.13
N PHE A 203 -18.67 26.19 -8.44
CA PHE A 203 -18.57 27.43 -9.21
C PHE A 203 -19.49 28.50 -8.64
N ASP A 204 -20.75 28.15 -8.41
CA ASP A 204 -21.74 29.13 -7.99
C ASP A 204 -21.43 29.68 -6.61
N GLU A 205 -20.96 28.82 -5.70
CA GLU A 205 -20.65 29.28 -4.34
C GLU A 205 -19.39 30.15 -4.33
N ALA A 206 -18.44 29.89 -5.21
CA ALA A 206 -17.30 30.78 -5.35
C ALA A 206 -17.71 32.12 -5.97
N MET A 207 -18.50 32.08 -7.04
N MET A 207 -18.52 32.08 -7.02
CA MET A 207 -18.98 33.29 -7.69
CA MET A 207 -18.97 33.30 -7.68
C MET A 207 -19.54 34.26 -6.65
C MET A 207 -19.58 34.27 -6.68
N ALA A 208 -20.38 33.75 -5.76
CA ALA A 208 -21.09 34.60 -4.81
C ALA A 208 -20.17 35.27 -3.81
N ASP A 209 -18.96 34.74 -3.61
CA ASP A 209 -18.04 35.30 -2.63
C ASP A 209 -16.88 36.06 -3.25
N LEU A 210 -16.83 36.17 -4.59
CA LEU A 210 -15.73 36.89 -5.23
C LEU A 210 -15.65 38.33 -4.76
N HIS A 211 -16.80 38.92 -4.39
CA HIS A 211 -16.82 40.33 -4.02
C HIS A 211 -15.98 40.60 -2.79
N THR A 212 -15.66 39.58 -1.98
CA THR A 212 -14.85 39.76 -0.79
C THR A 212 -13.35 39.80 -1.08
N LEU A 213 -12.94 39.53 -2.31
CA LEU A 213 -11.53 39.27 -2.61
C LEU A 213 -10.82 40.50 -3.16
N SER A 214 -9.54 40.61 -2.81
CA SER A 214 -8.67 41.57 -3.42
C SER A 214 -8.44 41.23 -4.90
N GLU A 215 -7.79 42.14 -5.61
CA GLU A 215 -7.52 41.91 -7.03
C GLU A 215 -6.69 40.63 -7.21
N ASP A 216 -5.71 40.42 -6.34
CA ASP A 216 -4.83 39.26 -6.45
C ASP A 216 -5.58 37.96 -6.19
N SER A 217 -6.30 37.90 -5.06
CA SER A 217 -7.05 36.70 -4.74
C SER A 217 -8.14 36.45 -5.77
N TYR A 218 -8.73 37.50 -6.30
CA TYR A 218 -9.74 37.35 -7.35
C TYR A 218 -9.17 36.63 -8.55
N LYS A 219 -7.95 37.00 -8.97
CA LYS A 219 -7.34 36.34 -10.11
C LYS A 219 -7.12 34.85 -9.83
N ASP A 220 -6.56 34.53 -8.66
CA ASP A 220 -6.28 33.13 -8.34
C ASP A 220 -7.56 32.31 -8.34
N SER A 221 -8.61 32.83 -7.73
CA SER A 221 -9.85 32.08 -7.63
C SER A 221 -10.53 31.95 -8.99
N THR A 222 -10.62 33.05 -9.75
CA THR A 222 -11.38 33.00 -11.00
C THR A 222 -10.69 32.12 -12.04
N LEU A 223 -9.37 32.01 -11.99
CA LEU A 223 -8.71 31.15 -12.95
C LEU A 223 -9.16 29.69 -12.76
N ILE A 224 -9.27 29.23 -11.51
CA ILE A 224 -9.76 27.87 -11.28
C ILE A 224 -11.26 27.77 -11.57
N MET A 225 -12.04 28.78 -11.19
CA MET A 225 -13.45 28.76 -11.57
C MET A 225 -13.63 28.61 -13.08
N GLN A 226 -12.77 29.25 -13.86
CA GLN A 226 -12.86 29.14 -15.31
C GLN A 226 -12.61 27.71 -15.75
N LEU A 227 -11.67 27.02 -15.10
CA LEU A 227 -11.46 25.60 -15.40
C LEU A 227 -12.69 24.76 -15.05
N LEU A 228 -13.33 25.05 -13.91
CA LEU A 228 -14.55 24.33 -13.58
C LEU A 228 -15.61 24.54 -14.65
N ARG A 229 -15.74 25.80 -15.10
CA ARG A 229 -16.72 26.11 -16.13
CA ARG A 229 -16.74 26.09 -16.12
C ARG A 229 -16.40 25.39 -17.43
N ASP A 230 -15.11 25.33 -17.78
CA ASP A 230 -14.72 24.63 -19.00
C ASP A 230 -15.18 23.19 -18.95
N ASN A 231 -15.01 22.54 -17.79
CA ASN A 231 -15.45 21.14 -17.69
C ASN A 231 -16.96 21.04 -17.73
N LEU A 232 -17.65 21.96 -17.05
CA LEU A 232 -19.11 21.96 -17.07
C LEU A 232 -19.65 22.11 -18.48
N THR A 233 -19.10 23.06 -19.25
CA THR A 233 -19.58 23.27 -20.61
C THR A 233 -19.19 22.12 -21.53
N LEU A 234 -18.08 21.44 -21.25
CA LEU A 234 -17.73 20.23 -21.99
C LEU A 234 -18.74 19.12 -21.73
N TRP A 235 -19.12 18.95 -20.46
CA TRP A 235 -19.93 17.82 -20.02
C TRP A 235 -21.42 18.03 -20.24
N THR A 236 -21.85 19.27 -20.49
CA THR A 236 -23.26 19.57 -20.64
C THR A 236 -23.50 20.40 -21.90
N ARG B 1 -9.27 12.47 -21.92
CA ARG B 1 -10.02 12.63 -20.68
C ARG B 1 -10.33 14.10 -20.38
N THR B 2 -11.24 14.34 -19.44
CA THR B 2 -11.51 15.70 -18.98
C THR B 2 -10.27 16.28 -18.34
N PRO B 3 -9.97 17.58 -18.54
CA PRO B 3 -8.77 18.10 -17.87
C PRO B 3 -8.89 18.33 -16.34
N SEP B 4 -7.83 17.93 -15.64
CA SEP B 4 -7.71 18.19 -14.20
CB SEP B 4 -6.98 17.01 -13.54
OG SEP B 4 -5.71 16.85 -14.15
C SEP B 4 -6.92 19.47 -13.96
O SEP B 4 -6.51 20.15 -14.90
P SEP B 4 -4.85 15.54 -13.81
O1P SEP B 4 -3.50 15.74 -14.59
O2P SEP B 4 -5.66 14.29 -14.33
O3P SEP B 4 -4.65 15.48 -12.26
HA SEP B 4 -8.60 18.28 -13.80
HB2 SEP B 4 -7.51 16.20 -13.67
HB3 SEP B 4 -6.87 17.19 -12.60
N LEU B 5 -6.67 19.80 -12.70
CA LEU B 5 -5.93 21.02 -12.38
C LEU B 5 -4.54 20.97 -13.01
N PRO B 6 -4.15 22.03 -13.71
CA PRO B 6 -2.86 22.00 -14.42
C PRO B 6 -1.66 22.40 -13.57
N GLY B 7 -1.71 22.07 -12.29
CA GLY B 7 -0.68 22.41 -11.35
C GLY B 7 -1.12 21.99 -9.98
N GLY C 1 -11.87 -14.84 -8.63
CA GLY C 1 -13.33 -15.15 -8.55
C GLY C 1 -13.70 -16.41 -9.32
N ALA C 2 -12.70 -17.13 -9.82
CA ALA C 2 -12.96 -18.35 -10.58
C ALA C 2 -13.70 -19.40 -9.76
N MET C 3 -13.63 -19.30 -8.43
CA MET C 3 -14.32 -20.26 -7.57
C MET C 3 -15.70 -19.77 -7.14
N GLY C 4 -16.15 -18.62 -7.64
CA GLY C 4 -17.39 -18.03 -7.17
C GLY C 4 -18.63 -18.88 -7.39
N SER C 5 -18.61 -19.77 -8.39
CA SER C 5 -19.79 -20.57 -8.68
C SER C 5 -19.81 -21.90 -7.93
N MET C 6 -18.78 -22.23 -7.17
CA MET C 6 -18.73 -23.50 -6.47
C MET C 6 -19.17 -23.36 -5.01
N GLU C 7 -19.93 -24.34 -4.54
N GLU C 7 -19.93 -24.32 -4.53
CA GLU C 7 -20.38 -24.36 -3.15
CA GLU C 7 -20.41 -24.26 -3.15
C GLU C 7 -19.21 -24.32 -2.19
C GLU C 7 -19.24 -24.35 -2.18
N ARG C 8 -19.37 -23.61 -1.07
CA ARG C 8 -18.33 -23.58 -0.06
C ARG C 8 -17.91 -24.98 0.36
N ALA C 9 -18.88 -25.86 0.64
CA ALA C 9 -18.53 -27.19 1.14
C ALA C 9 -17.77 -27.98 0.10
N SER C 10 -18.10 -27.76 -1.18
CA SER C 10 -17.39 -28.43 -2.27
C SER C 10 -15.95 -27.93 -2.37
N LEU C 11 -15.73 -26.63 -2.14
CA LEU C 11 -14.38 -26.08 -2.17
C LEU C 11 -13.52 -26.67 -1.06
N ILE C 12 -14.09 -26.81 0.15
CA ILE C 12 -13.36 -27.41 1.28
C ILE C 12 -13.02 -28.86 0.97
N GLN C 13 -13.99 -29.61 0.46
CA GLN C 13 -13.76 -31.00 0.07
C GLN C 13 -12.62 -31.08 -0.95
N LYS C 14 -12.66 -30.24 -1.98
CA LYS C 14 -11.62 -30.29 -3.02
C LYS C 14 -10.27 -29.82 -2.48
N ALA C 15 -10.25 -28.87 -1.54
CA ALA C 15 -8.99 -28.50 -0.93
C ALA C 15 -8.33 -29.70 -0.28
N LYS C 16 -9.13 -30.53 0.39
CA LYS C 16 -8.59 -31.73 1.04
C LYS C 16 -8.11 -32.75 0.03
N LEU C 17 -8.84 -32.92 -1.09
CA LEU C 17 -8.39 -33.80 -2.16
C LEU C 17 -7.08 -33.30 -2.74
N ALA C 18 -7.00 -31.99 -2.99
CA ALA C 18 -5.78 -31.41 -3.54
C ALA C 18 -4.59 -31.66 -2.62
N GLU C 19 -4.81 -31.55 -1.31
CA GLU C 19 -3.73 -31.83 -0.37
C GLU C 19 -3.28 -33.29 -0.51
N GLN C 20 -4.23 -34.22 -0.58
CA GLN C 20 -3.87 -35.63 -0.75
C GLN C 20 -3.07 -35.88 -2.03
N ALA C 21 -3.37 -35.14 -3.08
CA ALA C 21 -2.69 -35.26 -4.38
C ALA C 21 -1.45 -34.39 -4.46
N GLU C 22 -1.11 -33.69 -3.38
CA GLU C 22 0.06 -32.80 -3.34
CA GLU C 22 0.07 -32.81 -3.34
C GLU C 22 -0.01 -31.73 -4.42
N ARG C 23 -1.22 -31.23 -4.66
CA ARG C 23 -1.50 -30.16 -5.61
C ARG C 23 -1.78 -28.89 -4.80
N TYR C 24 -0.70 -28.26 -4.33
CA TYR C 24 -0.88 -27.20 -3.35
C TYR C 24 -1.37 -25.89 -3.98
N GLU C 25 -1.04 -25.63 -5.24
CA GLU C 25 -1.63 -24.46 -5.89
C GLU C 25 -3.13 -24.60 -5.97
N ASP C 26 -3.61 -25.79 -6.38
CA ASP C 26 -5.04 -26.04 -6.39
C ASP C 26 -5.62 -25.88 -5.00
N MET C 27 -4.95 -26.45 -4.00
CA MET C 27 -5.45 -26.39 -2.64
C MET C 27 -5.63 -24.95 -2.20
N ALA C 28 -4.64 -24.10 -2.51
CA ALA C 28 -4.72 -22.70 -2.12
C ALA C 28 -5.85 -21.99 -2.86
N ALA C 29 -6.01 -22.27 -4.16
CA ALA C 29 -7.09 -21.64 -4.91
C ALA C 29 -8.46 -22.05 -4.36
N PHE C 30 -8.62 -23.30 -3.97
CA PHE C 30 -9.89 -23.76 -3.39
C PHE C 30 -10.12 -23.07 -2.06
N MET C 31 -9.09 -22.99 -1.22
CA MET C 31 -9.24 -22.31 0.07
C MET C 31 -9.50 -20.82 -0.10
N LYS C 32 -8.86 -20.17 -1.07
CA LYS C 32 -9.19 -18.78 -1.38
C LYS C 32 -10.67 -18.65 -1.74
N GLY C 33 -11.16 -19.55 -2.60
CA GLY C 33 -12.57 -19.51 -2.94
C GLY C 33 -13.45 -19.66 -1.72
N ALA C 34 -13.07 -20.55 -0.80
CA ALA C 34 -13.87 -20.74 0.40
C ALA C 34 -13.86 -19.50 1.27
N VAL C 35 -12.69 -18.88 1.45
CA VAL C 35 -12.62 -17.64 2.24
C VAL C 35 -13.53 -16.59 1.63
N GLU C 36 -13.52 -16.46 0.30
CA GLU C 36 -14.26 -15.40 -0.36
C GLU C 36 -15.77 -15.59 -0.28
N LYS C 37 -16.26 -16.73 0.20
CA LYS C 37 -17.68 -16.87 0.48
C LYS C 37 -18.13 -15.94 1.61
N GLY C 38 -17.20 -15.46 2.43
CA GLY C 38 -17.52 -14.46 3.42
C GLY C 38 -17.83 -14.99 4.81
N GLU C 39 -17.82 -16.31 4.98
CA GLU C 39 -18.09 -16.90 6.30
C GLU C 39 -16.79 -17.15 7.06
N GLU C 40 -16.89 -17.16 8.39
CA GLU C 40 -15.75 -17.48 9.23
C GLU C 40 -15.22 -18.88 8.92
N LEU C 41 -13.94 -19.09 9.18
CA LEU C 41 -13.33 -20.40 9.03
C LEU C 41 -13.27 -21.07 10.39
N SER C 42 -13.46 -22.38 10.39
CA SER C 42 -13.19 -23.19 11.57
C SER C 42 -11.68 -23.34 11.75
N CYS C 43 -11.28 -23.88 12.90
N CYS C 43 -11.28 -23.88 12.90
CA CYS C 43 -9.85 -24.10 13.14
CA CYS C 43 -9.86 -24.10 13.15
C CYS C 43 -9.25 -25.00 12.07
C CYS C 43 -9.26 -24.99 12.06
N GLU C 44 -9.95 -26.08 11.72
CA GLU C 44 -9.43 -26.98 10.69
C GLU C 44 -9.28 -26.26 9.37
N GLU C 45 -10.24 -25.40 9.03
CA GLU C 45 -10.19 -24.67 7.76
C GLU C 45 -9.07 -23.63 7.76
N ARG C 46 -8.88 -22.90 8.88
CA ARG C 46 -7.75 -21.98 8.98
C ARG C 46 -6.43 -22.71 8.76
N ASN C 47 -6.32 -23.92 9.29
CA ASN C 47 -5.09 -24.67 9.10
C ASN C 47 -4.94 -25.10 7.65
N LEU C 48 -6.05 -25.47 6.98
CA LEU C 48 -5.98 -25.80 5.56
C LEU C 48 -5.49 -24.60 4.76
N LEU C 49 -6.03 -23.41 5.05
CA LEU C 49 -5.61 -22.21 4.35
C LEU C 49 -4.12 -21.96 4.54
N SER C 50 -3.65 -22.06 5.77
CA SER C 50 -2.25 -21.78 6.05
C SER C 50 -1.33 -22.81 5.40
N VAL C 51 -1.69 -24.09 5.48
CA VAL C 51 -0.85 -25.13 4.88
C VAL C 51 -0.76 -24.94 3.38
N ALA C 52 -1.89 -24.65 2.74
CA ALA C 52 -1.88 -24.52 1.29
C ALA C 52 -0.95 -23.40 0.85
N TYR C 53 -1.15 -22.20 1.40
CA TYR C 53 -0.33 -21.08 0.97
C TYR C 53 1.12 -21.20 1.43
N LYS C 54 1.37 -21.84 2.57
CA LYS C 54 2.76 -22.00 2.99
C LYS C 54 3.50 -22.89 2.00
N ASN C 55 2.83 -23.93 1.50
CA ASN C 55 3.48 -24.79 0.52
C ASN C 55 3.77 -24.03 -0.76
N VAL C 56 2.82 -23.21 -1.21
CA VAL C 56 3.04 -22.41 -2.42
C VAL C 56 4.17 -21.40 -2.21
N VAL C 57 4.05 -20.56 -1.18
CA VAL C 57 5.05 -19.51 -1.00
C VAL C 57 6.39 -20.12 -0.61
N GLY C 58 6.37 -21.24 0.10
CA GLY C 58 7.62 -21.86 0.49
C GLY C 58 8.41 -22.33 -0.71
N GLY C 59 7.73 -22.90 -1.71
CA GLY C 59 8.42 -23.27 -2.92
C GLY C 59 9.00 -22.07 -3.64
N GLN C 60 8.25 -20.96 -3.66
CA GLN C 60 8.74 -19.75 -4.32
C GLN C 60 9.92 -19.16 -3.56
N ARG C 61 9.85 -19.13 -2.24
CA ARG C 61 10.98 -18.62 -1.44
C ARG C 61 12.23 -19.44 -1.68
N ALA C 62 12.10 -20.76 -1.72
CA ALA C 62 13.27 -21.60 -1.93
C ALA C 62 13.86 -21.35 -3.31
N ALA C 63 13.00 -21.25 -4.33
CA ALA C 63 13.49 -20.98 -5.67
C ALA C 63 14.16 -19.60 -5.73
N TRP C 64 13.52 -18.59 -5.12
CA TRP C 64 14.11 -17.25 -5.06
C TRP C 64 15.48 -17.27 -4.40
N ARG C 65 15.63 -18.03 -3.33
CA ARG C 65 16.92 -18.12 -2.67
CA ARG C 65 16.92 -18.12 -2.67
C ARG C 65 17.97 -18.78 -3.57
N VAL C 66 17.58 -19.84 -4.31
CA VAL C 66 18.51 -20.49 -5.23
C VAL C 66 18.98 -19.49 -6.27
N LEU C 67 18.03 -18.77 -6.87
CA LEU C 67 18.36 -17.82 -7.93
C LEU C 67 19.17 -16.65 -7.41
N SER C 68 18.78 -16.11 -6.24
CA SER C 68 19.54 -15.02 -5.66
CA SER C 68 19.54 -15.02 -5.65
C SER C 68 20.98 -15.44 -5.38
N SER C 69 21.20 -16.68 -4.94
CA SER C 69 22.55 -17.17 -4.70
CA SER C 69 22.55 -17.16 -4.71
CA SER C 69 22.55 -17.16 -4.71
C SER C 69 23.34 -17.23 -6.01
N ILE C 70 22.73 -17.75 -7.07
CA ILE C 70 23.41 -17.78 -8.36
C ILE C 70 23.73 -16.36 -8.81
N GLU C 71 22.80 -15.43 -8.55
CA GLU C 71 22.99 -14.04 -8.94
C GLU C 71 24.15 -13.42 -8.17
N GLN C 72 24.20 -13.62 -6.85
CA GLN C 72 25.31 -13.06 -6.08
C GLN C 72 26.65 -13.55 -6.61
N LYS C 73 26.74 -14.85 -6.91
CA LYS C 73 28.01 -15.40 -7.39
C LYS C 73 28.35 -14.83 -8.77
N SER C 74 27.37 -14.75 -9.66
CA SER C 74 27.63 -14.20 -11.00
C SER C 74 28.17 -12.78 -10.93
N ASN C 75 27.88 -12.05 -9.86
CA ASN C 75 28.40 -10.70 -9.67
C ASN C 75 29.72 -10.76 -8.89
N GLY C 83 25.38 -11.98 -18.32
CA GLY C 83 24.20 -11.36 -18.91
C GLY C 83 23.10 -11.06 -17.90
N PRO C 84 21.97 -10.54 -18.39
CA PRO C 84 20.87 -10.17 -17.50
C PRO C 84 19.96 -11.33 -17.11
N GLU C 85 20.18 -12.53 -17.62
CA GLU C 85 19.16 -13.57 -17.51
C GLU C 85 18.90 -14.00 -16.07
N VAL C 86 19.95 -14.15 -15.25
N VAL C 86 19.94 -14.15 -15.24
CA VAL C 86 19.76 -14.58 -13.86
CA VAL C 86 19.71 -14.61 -13.88
C VAL C 86 18.90 -13.57 -13.14
C VAL C 86 18.92 -13.57 -13.09
N ARG C 87 19.24 -12.28 -13.27
CA ARG C 87 18.44 -11.25 -12.62
C ARG C 87 17.01 -11.28 -13.13
N GLU C 88 16.82 -11.37 -14.44
CA GLU C 88 15.47 -11.39 -15.01
C GLU C 88 14.66 -12.52 -14.43
N TYR C 89 15.23 -13.72 -14.39
CA TYR C 89 14.48 -14.86 -13.89
C TYR C 89 14.24 -14.76 -12.38
N ARG C 90 15.22 -14.27 -11.63
CA ARG C 90 14.99 -14.02 -10.21
C ARG C 90 13.83 -13.03 -10.03
N GLU C 91 13.80 -11.97 -10.84
CA GLU C 91 12.73 -10.98 -10.75
C GLU C 91 11.38 -11.61 -11.09
N LYS C 92 11.35 -12.54 -12.05
CA LYS C 92 10.10 -13.21 -12.41
C LYS C 92 9.56 -14.00 -11.24
N VAL C 93 10.42 -14.80 -10.61
CA VAL C 93 10.02 -15.56 -9.44
C VAL C 93 9.61 -14.62 -8.32
N GLU C 94 10.37 -13.53 -8.14
CA GLU C 94 10.07 -12.56 -7.10
C GLU C 94 8.67 -11.96 -7.29
N THR C 95 8.32 -11.58 -8.52
CA THR C 95 7.01 -11.01 -8.78
CA THR C 95 7.01 -11.01 -8.77
C THR C 95 5.90 -12.01 -8.49
N GLU C 96 6.13 -13.29 -8.82
N GLU C 96 6.13 -13.29 -8.80
CA GLU C 96 5.14 -14.32 -8.52
CA GLU C 96 5.11 -14.29 -8.52
C GLU C 96 4.95 -14.47 -7.02
C GLU C 96 4.95 -14.50 -7.02
N LEU C 97 6.05 -14.51 -6.28
CA LEU C 97 5.99 -14.59 -4.82
C LEU C 97 5.27 -13.40 -4.24
N GLN C 98 5.59 -12.19 -4.72
CA GLN C 98 4.88 -11.00 -4.25
C GLN C 98 3.38 -11.10 -4.52
N GLY C 99 3.01 -11.63 -5.70
CA GLY C 99 1.60 -11.82 -6.00
C GLY C 99 0.90 -12.75 -5.03
N VAL C 100 1.56 -13.85 -4.65
CA VAL C 100 0.94 -14.78 -3.70
C VAL C 100 0.79 -14.11 -2.34
N CYS C 101 1.83 -13.40 -1.89
CA CYS C 101 1.72 -12.73 -0.59
C CYS C 101 0.63 -11.67 -0.61
N ASP C 102 0.55 -10.90 -1.70
CA ASP C 102 -0.51 -9.89 -1.81
C ASP C 102 -1.88 -10.55 -1.76
N THR C 103 -2.01 -11.73 -2.38
CA THR C 103 -3.27 -12.46 -2.33
C THR C 103 -3.63 -12.86 -0.90
N VAL C 104 -2.67 -13.43 -0.16
CA VAL C 104 -2.94 -13.85 1.21
C VAL C 104 -3.28 -12.64 2.06
N LEU C 105 -2.49 -11.57 1.94
CA LEU C 105 -2.74 -10.36 2.71
C LEU C 105 -4.10 -9.78 2.38
N GLY C 106 -4.55 -9.91 1.13
CA GLY C 106 -5.86 -9.41 0.77
C GLY C 106 -6.99 -10.21 1.42
N LEU C 107 -6.81 -11.52 1.53
CA LEU C 107 -7.80 -12.34 2.24
C LEU C 107 -7.86 -11.98 3.73
N LEU C 108 -6.71 -11.74 4.33
CA LEU C 108 -6.68 -11.39 5.75
C LEU C 108 -7.31 -10.03 5.99
N ASP C 109 -7.06 -9.07 5.10
CA ASP C 109 -7.64 -7.74 5.24
CA ASP C 109 -7.65 -7.75 5.28
C ASP C 109 -9.09 -7.67 4.78
N SER C 110 -9.54 -8.63 3.93
CA SER C 110 -10.89 -8.60 3.35
C SER C 110 -11.48 -10.00 3.37
N HIS C 111 -11.93 -10.48 4.53
CA HIS C 111 -12.08 -9.72 5.78
C HIS C 111 -11.84 -10.61 7.00
N LEU C 112 -10.87 -11.54 6.88
CA LEU C 112 -10.71 -12.58 7.90
C LEU C 112 -10.42 -12.00 9.28
N ILE C 113 -9.51 -11.03 9.34
CA ILE C 113 -9.09 -10.50 10.63
C ILE C 113 -10.27 -9.84 11.34
N LYS C 114 -10.98 -8.96 10.63
CA LYS C 114 -12.03 -8.20 11.29
C LYS C 114 -13.23 -9.07 11.65
N GLU C 115 -13.43 -10.18 10.94
N GLU C 115 -13.43 -10.18 10.96
CA GLU C 115 -14.55 -11.08 11.19
CA GLU C 115 -14.56 -11.06 11.22
C GLU C 115 -14.23 -12.17 12.19
C GLU C 115 -14.22 -12.21 12.15
N ALA C 116 -12.96 -12.34 12.57
CA ALA C 116 -12.59 -13.42 13.46
C ALA C 116 -13.34 -13.30 14.77
N GLY C 117 -13.97 -14.40 15.17
CA GLY C 117 -14.92 -14.40 16.26
C GLY C 117 -14.37 -14.74 17.61
N ASP C 118 -13.10 -15.13 17.71
CA ASP C 118 -12.49 -15.40 18.99
C ASP C 118 -11.04 -14.97 18.96
N ALA C 119 -10.43 -14.85 20.15
CA ALA C 119 -9.08 -14.32 20.24
C ALA C 119 -8.08 -15.22 19.53
N GLU C 120 -8.26 -16.54 19.64
CA GLU C 120 -7.31 -17.46 19.03
C GLU C 120 -7.26 -17.27 17.52
N SER C 121 -8.42 -17.17 16.89
N SER C 121 -8.43 -17.20 16.89
CA SER C 121 -8.44 -16.96 15.44
CA SER C 121 -8.50 -16.95 15.45
C SER C 121 -7.90 -15.59 15.07
C SER C 121 -7.88 -15.60 15.10
N ARG C 122 -8.21 -14.56 15.86
CA ARG C 122 -7.72 -13.23 15.54
C ARG C 122 -6.20 -13.19 15.60
N VAL C 123 -5.62 -13.82 16.63
CA VAL C 123 -4.17 -13.86 16.75
C VAL C 123 -3.57 -14.67 15.61
N PHE C 124 -4.20 -15.80 15.28
CA PHE C 124 -3.74 -16.63 14.18
C PHE C 124 -3.63 -15.81 12.90
N TYR C 125 -4.66 -15.01 12.60
CA TYR C 125 -4.68 -14.25 11.35
C TYR C 125 -3.72 -13.06 11.38
N LEU C 126 -3.65 -12.35 12.53
CA LEU C 126 -2.70 -11.24 12.64
C LEU C 126 -1.26 -11.73 12.56
N LYS C 127 -0.95 -12.88 13.18
CA LYS C 127 0.36 -13.48 13.00
C LYS C 127 0.62 -13.79 11.53
N MET C 128 -0.37 -14.38 10.87
CA MET C 128 -0.24 -14.69 9.44
C MET C 128 0.01 -13.43 8.62
N LYS C 129 -0.64 -12.33 8.96
CA LYS C 129 -0.38 -11.05 8.30
C LYS C 129 1.06 -10.61 8.49
N GLY C 130 1.54 -10.67 9.73
CA GLY C 130 2.95 -10.39 9.95
C GLY C 130 3.86 -11.29 9.13
N ASP C 131 3.54 -12.59 9.09
CA ASP C 131 4.38 -13.55 8.36
C ASP C 131 4.44 -13.20 6.89
N TYR C 132 3.29 -12.89 6.27
CA TYR C 132 3.31 -12.64 4.84
C TYR C 132 3.95 -11.29 4.50
N TYR C 133 3.81 -10.27 5.34
CA TYR C 133 4.63 -9.08 5.15
C TYR C 133 6.11 -9.41 5.33
N ARG C 134 6.44 -10.30 6.27
CA ARG C 134 7.82 -10.71 6.43
C ARG C 134 8.36 -11.38 5.16
N TYR C 135 7.55 -12.24 4.53
CA TYR C 135 8.00 -12.86 3.28
C TYR C 135 8.21 -11.80 2.20
N LEU C 136 7.36 -10.79 2.15
CA LEU C 136 7.60 -9.67 1.24
C LEU C 136 8.89 -8.95 1.59
N ALA C 137 9.15 -8.76 2.88
CA ALA C 137 10.33 -8.02 3.30
C ALA C 137 11.62 -8.71 2.87
N GLU C 138 11.61 -10.05 2.78
CA GLU C 138 12.81 -10.78 2.40
C GLU C 138 13.26 -10.42 0.99
N VAL C 139 12.34 -10.03 0.12
CA VAL C 139 12.66 -9.73 -1.27
C VAL C 139 12.53 -8.25 -1.60
N ALA C 140 12.07 -7.42 -0.67
CA ALA C 140 11.86 -6.02 -0.94
C ALA C 140 13.17 -5.24 -0.80
N THR C 141 13.15 -4.02 -1.34
CA THR C 141 14.29 -3.13 -1.25
C THR C 141 13.80 -1.72 -0.95
N GLY C 142 14.72 -0.89 -0.49
CA GLY C 142 14.50 0.55 -0.44
C GLY C 142 13.32 0.95 0.43
N ASP C 143 12.61 1.99 -0.02
CA ASP C 143 11.52 2.56 0.77
C ASP C 143 10.37 1.57 0.91
N ASP C 144 10.11 0.77 -0.12
CA ASP C 144 9.08 -0.26 -0.05
C ASP C 144 9.40 -1.24 1.06
N LYS C 145 10.66 -1.67 1.17
CA LYS C 145 11.03 -2.56 2.26
C LYS C 145 10.74 -1.93 3.61
N LYS C 146 11.06 -0.64 3.78
CA LYS C 146 10.83 0.00 5.07
C LYS C 146 9.35 0.02 5.43
N ARG C 147 8.48 0.30 4.45
CA ARG C 147 7.05 0.29 4.71
C ARG C 147 6.57 -1.12 5.05
N ILE C 148 7.06 -2.13 4.33
CA ILE C 148 6.67 -3.50 4.59
C ILE C 148 7.08 -3.93 5.98
N ILE C 149 8.29 -3.55 6.38
CA ILE C 149 8.79 -3.90 7.71
C ILE C 149 7.91 -3.29 8.79
N ASP C 150 7.52 -2.03 8.62
CA ASP C 150 6.62 -1.40 9.60
C ASP C 150 5.27 -2.10 9.62
N SER C 151 4.76 -2.52 8.46
CA SER C 151 3.49 -3.22 8.41
C SER C 151 3.57 -4.57 9.11
N ALA C 152 4.66 -5.31 8.91
CA ALA C 152 4.84 -6.58 9.59
C ALA C 152 4.87 -6.39 11.09
N ARG C 153 5.67 -5.41 11.56
CA ARG C 153 5.78 -5.21 13.00
CA ARG C 153 5.79 -5.17 12.99
C ARG C 153 4.43 -4.82 13.60
N SER C 154 3.65 -3.99 12.91
CA SER C 154 2.36 -3.56 13.44
CA SER C 154 2.36 -3.56 13.45
C SER C 154 1.39 -4.73 13.57
N ALA C 155 1.38 -5.63 12.59
CA ALA C 155 0.51 -6.79 12.67
C ALA C 155 0.95 -7.71 13.79
N TYR C 156 2.25 -8.00 13.86
CA TYR C 156 2.75 -8.85 14.93
C TYR C 156 2.45 -8.25 16.29
N GLN C 157 2.64 -6.94 16.44
CA GLN C 157 2.43 -6.33 17.75
C GLN C 157 0.97 -6.36 18.14
N GLU C 158 0.06 -6.17 17.18
CA GLU C 158 -1.36 -6.29 17.53
CA GLU C 158 -1.37 -6.30 17.48
C GLU C 158 -1.68 -7.70 18.00
N ALA C 159 -1.13 -8.71 17.32
CA ALA C 159 -1.34 -10.09 17.76
C ALA C 159 -0.76 -10.30 19.14
N MET C 160 0.40 -9.72 19.43
CA MET C 160 1.01 -9.87 20.76
C MET C 160 0.10 -9.28 21.84
N ASP C 161 -0.41 -8.07 21.59
CA ASP C 161 -1.28 -7.44 22.58
C ASP C 161 -2.49 -8.30 22.90
N ILE C 162 -3.12 -8.87 21.87
CA ILE C 162 -4.30 -9.70 22.08
C ILE C 162 -3.93 -10.97 22.84
N SER C 163 -2.84 -11.63 22.45
N SER C 163 -2.85 -11.64 22.42
CA SER C 163 -2.49 -12.91 23.06
CA SER C 163 -2.45 -12.88 23.06
C SER C 163 -2.12 -12.75 24.53
C SER C 163 -2.24 -12.68 24.55
N LYS C 164 -1.56 -11.61 24.92
CA LYS C 164 -1.23 -11.42 26.32
C LYS C 164 -2.46 -11.17 27.16
N LYS C 165 -3.50 -10.56 26.58
N LYS C 165 -3.50 -10.56 26.58
CA LYS C 165 -4.72 -10.29 27.33
CA LYS C 165 -4.73 -10.29 27.31
C LYS C 165 -5.67 -11.49 27.35
C LYS C 165 -5.65 -11.50 27.36
N GLU C 166 -5.62 -12.35 26.34
CA GLU C 166 -6.64 -13.37 26.16
C GLU C 166 -6.16 -14.81 26.21
N MET C 167 -4.86 -15.06 26.15
CA MET C 167 -4.35 -16.42 26.10
C MET C 167 -3.34 -16.64 27.22
N PRO C 168 -3.27 -17.85 27.77
CA PRO C 168 -2.23 -18.12 28.76
C PRO C 168 -0.86 -18.19 28.08
N PRO C 169 0.21 -18.00 28.85
CA PRO C 169 1.55 -17.93 28.24
C PRO C 169 2.05 -19.22 27.62
N THR C 170 1.41 -20.36 27.90
CA THR C 170 1.79 -21.62 27.29
C THR C 170 0.99 -21.92 26.03
N ASN C 171 0.01 -21.09 25.68
CA ASN C 171 -0.86 -21.37 24.55
C ASN C 171 -0.02 -21.52 23.29
N PRO C 172 -0.14 -22.63 22.55
CA PRO C 172 0.76 -22.85 21.40
C PRO C 172 0.68 -21.78 20.33
N ILE C 173 -0.49 -21.19 20.09
N ILE C 173 -0.51 -21.22 20.08
CA ILE C 173 -0.58 -20.16 19.05
CA ILE C 173 -0.63 -20.16 19.08
C ILE C 173 0.09 -18.88 19.52
C ILE C 173 0.13 -18.93 19.53
N ARG C 174 -0.01 -18.57 20.81
CA ARG C 174 0.73 -17.45 21.37
C ARG C 174 2.24 -17.71 21.27
N LEU C 175 2.68 -18.92 21.60
CA LEU C 175 4.10 -19.23 21.52
C LEU C 175 4.61 -19.13 20.09
N GLY C 176 3.85 -19.66 19.12
CA GLY C 176 4.31 -19.59 17.74
C GLY C 176 4.35 -18.19 17.19
N LEU C 177 3.42 -17.34 17.63
CA LEU C 177 3.48 -15.91 17.30
C LEU C 177 4.78 -15.29 17.79
N ALA C 178 5.12 -15.53 19.05
CA ALA C 178 6.35 -14.95 19.61
C ALA C 178 7.57 -15.49 18.88
N LEU C 179 7.54 -16.77 18.52
CA LEU C 179 8.64 -17.34 17.73
C LEU C 179 8.83 -16.58 16.43
N ASN C 180 7.75 -16.39 15.68
CA ASN C 180 7.88 -15.76 14.37
C ASN C 180 8.19 -14.26 14.49
N PHE C 181 7.63 -13.58 15.49
CA PHE C 181 7.93 -12.17 15.69
C PHE C 181 9.39 -11.99 16.07
N SER C 182 9.92 -12.90 16.89
CA SER C 182 11.34 -12.82 17.24
CA SER C 182 11.34 -12.85 17.24
C SER C 182 12.22 -13.08 16.01
N VAL C 183 11.82 -14.02 15.15
CA VAL C 183 12.54 -14.21 13.88
C VAL C 183 12.51 -12.94 13.04
N PHE C 184 11.34 -12.28 12.97
CA PHE C 184 11.24 -11.00 12.28
C PHE C 184 12.24 -10.00 12.82
N HIS C 185 12.29 -9.85 14.15
CA HIS C 185 13.22 -8.89 14.73
C HIS C 185 14.66 -9.18 14.32
N TYR C 186 15.04 -10.47 14.33
CA TYR C 186 16.44 -10.84 14.12
C TYR C 186 16.81 -10.82 12.63
N GLU C 187 15.97 -11.44 11.79
CA GLU C 187 16.31 -11.65 10.39
C GLU C 187 15.93 -10.49 9.50
N ILE C 188 14.91 -9.73 9.86
CA ILE C 188 14.35 -8.69 8.98
C ILE C 188 14.66 -7.30 9.51
N ALA C 189 14.36 -7.04 10.78
CA ALA C 189 14.42 -5.69 11.31
C ALA C 189 15.79 -5.32 11.89
N ASN C 190 16.78 -6.21 11.79
CA ASN C 190 18.13 -5.96 12.32
C ASN C 190 18.09 -5.52 13.78
N SER C 191 17.22 -6.18 14.55
CA SER C 191 17.01 -5.89 15.97
C SER C 191 17.25 -7.15 16.78
N PRO C 192 18.49 -7.64 16.83
CA PRO C 192 18.75 -8.89 17.57
C PRO C 192 18.43 -8.78 19.06
N GLU C 193 18.60 -7.61 19.67
CA GLU C 193 18.31 -7.48 21.09
C GLU C 193 16.82 -7.61 21.36
N GLU C 194 15.98 -7.06 20.48
CA GLU C 194 14.54 -7.27 20.61
C GLU C 194 14.18 -8.72 20.38
N ALA C 195 14.85 -9.38 19.43
CA ALA C 195 14.57 -10.78 19.15
C ALA C 195 14.88 -11.64 20.36
N ILE C 196 16.05 -11.44 20.95
CA ILE C 196 16.47 -12.22 22.12
C ILE C 196 15.57 -11.94 23.30
N SER C 197 15.30 -10.66 23.59
CA SER C 197 14.43 -10.30 24.72
C SER C 197 13.06 -10.95 24.58
N LEU C 198 12.46 -10.88 23.38
CA LEU C 198 11.15 -11.46 23.18
C LEU C 198 11.18 -12.98 23.36
N ALA C 199 12.14 -13.65 22.71
CA ALA C 199 12.18 -15.10 22.83
C ALA C 199 12.40 -15.51 24.29
N LYS C 200 13.27 -14.79 24.99
CA LYS C 200 13.60 -15.13 26.38
C LYS C 200 12.40 -14.94 27.28
N THR C 201 11.75 -13.77 27.21
CA THR C 201 10.58 -13.54 28.04
CA THR C 201 10.57 -13.53 28.03
C THR C 201 9.51 -14.58 27.75
N THR C 202 9.28 -14.88 26.48
CA THR C 202 8.26 -15.88 26.14
C THR C 202 8.61 -17.23 26.73
N PHE C 203 9.88 -17.62 26.60
CA PHE C 203 10.33 -18.91 27.12
C PHE C 203 10.09 -18.98 28.63
N ASP C 204 10.48 -17.95 29.37
CA ASP C 204 10.40 -17.97 30.81
C ASP C 204 8.96 -18.00 31.29
N GLU C 205 8.10 -17.21 30.66
CA GLU C 205 6.71 -17.12 31.12
C GLU C 205 5.96 -18.41 30.82
N ALA C 206 6.30 -19.11 29.74
CA ALA C 206 5.70 -20.42 29.48
C ALA C 206 6.25 -21.47 30.44
N MET C 207 7.56 -21.42 30.70
N MET C 207 7.56 -21.42 30.70
CA MET C 207 8.17 -22.41 31.57
CA MET C 207 8.19 -22.39 31.57
C MET C 207 7.51 -22.44 32.94
C MET C 207 7.53 -22.43 32.94
N ALA C 208 7.10 -21.27 33.45
CA ALA C 208 6.51 -21.20 34.78
C ALA C 208 5.26 -22.05 34.90
N ASP C 209 4.53 -22.25 33.80
CA ASP C 209 3.25 -22.93 33.83
C ASP C 209 3.26 -24.33 33.27
N LEU C 210 4.43 -24.86 32.86
CA LEU C 210 4.47 -26.18 32.23
C LEU C 210 3.87 -27.26 33.13
N HIS C 211 3.92 -27.07 34.45
CA HIS C 211 3.47 -28.10 35.38
C HIS C 211 1.95 -28.19 35.47
N THR C 212 1.23 -27.18 34.99
CA THR C 212 -0.23 -27.19 35.02
C THR C 212 -0.81 -27.88 33.79
N LEU C 213 0.02 -28.30 32.84
CA LEU C 213 -0.43 -28.81 31.56
C LEU C 213 -0.55 -30.33 31.58
N SER C 214 -1.41 -30.84 30.70
CA SER C 214 -1.61 -32.28 30.53
C SER C 214 -0.40 -32.91 29.85
N SER C 217 -0.68 -31.19 25.99
CA SER C 217 -0.37 -29.76 26.02
C SER C 217 1.11 -29.52 26.36
N TYR C 218 1.60 -30.26 27.36
CA TYR C 218 3.02 -30.17 27.68
C TYR C 218 3.88 -30.46 26.45
N LYS C 219 3.52 -31.50 25.70
CA LYS C 219 4.25 -31.82 24.48
C LYS C 219 4.20 -30.65 23.49
N ASP C 220 3.01 -30.08 23.28
CA ASP C 220 2.86 -29.00 22.31
C ASP C 220 3.69 -27.79 22.70
N SER C 221 3.53 -27.33 23.94
CA SER C 221 4.22 -26.12 24.38
C SER C 221 5.73 -26.32 24.40
N THR C 222 6.18 -27.45 24.92
CA THR C 222 7.61 -27.72 25.00
C THR C 222 8.24 -27.79 23.61
N LEU C 223 7.51 -28.30 22.63
CA LEU C 223 8.04 -28.34 21.27
C LEU C 223 8.37 -26.94 20.78
N ILE C 224 7.43 -26.00 20.95
CA ILE C 224 7.68 -24.65 20.49
C ILE C 224 8.69 -23.93 21.37
N MET C 225 8.76 -24.28 22.67
CA MET C 225 9.80 -23.69 23.50
C MET C 225 11.18 -24.07 23.01
N GLN C 226 11.33 -25.30 22.52
CA GLN C 226 12.62 -25.71 21.99
C GLN C 226 12.94 -25.00 20.69
N LEU C 227 11.91 -24.64 19.90
CA LEU C 227 12.14 -23.81 18.73
C LEU C 227 12.65 -22.44 19.13
N LEU C 228 12.06 -21.85 20.17
CA LEU C 228 12.61 -20.61 20.72
C LEU C 228 14.05 -20.80 21.20
N ARG C 229 14.32 -21.92 21.87
CA ARG C 229 15.66 -22.16 22.40
C ARG C 229 16.68 -22.27 21.28
N ASP C 230 16.35 -23.00 20.21
CA ASP C 230 17.27 -23.15 19.09
C ASP C 230 17.68 -21.78 18.55
N ASN C 231 16.70 -20.89 18.38
CA ASN C 231 17.01 -19.56 17.89
C ASN C 231 17.86 -18.80 18.90
N LEU C 232 17.54 -18.89 20.19
CA LEU C 232 18.37 -18.23 21.20
C LEU C 232 19.81 -18.72 21.15
N THR C 233 20.01 -20.03 21.01
CA THR C 233 21.36 -20.58 20.93
C THR C 233 22.10 -20.05 19.71
N LEU C 234 21.42 -20.07 18.55
CA LEU C 234 22.02 -19.50 17.35
C LEU C 234 22.32 -18.02 17.55
N TRP C 235 21.45 -17.33 18.29
CA TRP C 235 21.58 -15.89 18.48
C TRP C 235 22.48 -15.49 19.64
N THR C 236 22.78 -16.41 20.55
CA THR C 236 23.54 -16.06 21.75
C THR C 236 24.61 -17.10 22.12
N THR D 2 17.30 -18.06 10.28
CA THR D 2 16.69 -18.61 11.49
C THR D 2 15.31 -19.20 11.18
N PRO D 3 15.02 -20.40 11.69
CA PRO D 3 13.71 -20.98 11.34
C PRO D 3 12.50 -20.43 12.11
N SEP D 4 11.44 -20.26 11.34
CA SEP D 4 10.14 -19.87 11.83
CB SEP D 4 9.42 -19.06 10.75
OG SEP D 4 9.37 -19.89 9.59
C SEP D 4 9.32 -21.12 12.17
O SEP D 4 9.79 -22.25 12.03
P SEP D 4 8.89 -19.17 8.23
O1P SEP D 4 10.00 -18.12 7.82
O2P SEP D 4 8.82 -20.37 7.20
O3P SEP D 4 7.48 -18.49 8.49
HA SEP D 4 10.23 -19.32 12.64
HB2 SEP D 4 9.92 -18.26 10.56
HB3 SEP D 4 8.52 -18.85 11.05
N LEU D 5 8.10 -20.91 12.62
CA LEU D 5 7.22 -22.02 12.97
C LEU D 5 7.06 -22.94 11.75
N PRO D 6 7.30 -24.25 11.93
CA PRO D 6 7.28 -25.19 10.80
C PRO D 6 5.90 -25.73 10.48
N GLY D 7 4.94 -24.84 10.34
CA GLY D 7 3.56 -25.18 10.10
C GLY D 7 2.71 -23.99 10.52
CL CL E . 9.84 -3.78 -22.79
NA NA F . -29.71 13.27 -8.48
NA NA G . -21.58 22.45 -23.95
NA NA H . 23.37 28.00 -1.07
NA NA I . 21.75 12.75 6.78
C14 D4K J . 2.69 25.45 -9.09
C10 D4K J . 1.44 26.76 -7.54
C13 D4K J . 3.78 26.28 -8.87
C11 D4K J . 2.52 27.59 -7.32
C12 D4K J . 3.69 27.36 -7.98
C01 D4K J . -4.76 26.20 -11.74
C03 D4K J . -2.60 25.95 -10.75
C04 D4K J . -2.01 26.34 -11.96
C05 D4K J . -0.60 26.22 -12.10
C06 D4K J . 0.14 25.74 -11.05
C07 D4K J . -0.49 25.35 -9.83
C08 D4K J . 0.28 24.78 -8.64
C09 D4K J . 1.52 25.67 -8.43
C15 D4K J . 0.56 23.29 -8.86
C17 D4K J . -0.88 22.04 -7.48
C18 D4K J . 0.35 22.42 -6.67
C19 D4K J . 1.33 22.75 -7.54
C20 D4K J . -1.85 25.46 -9.70
N16 D4K J . -0.56 22.56 -8.92
O02 D4K J . -3.98 26.05 -10.55
CL CL K . 12.41 -14.38 -17.16
C14 D4K L . -0.84 -27.75 10.19
C10 D4K L . -1.77 -27.36 12.37
C13 D4K L . -1.81 -28.72 9.97
C11 D4K L . -2.74 -28.32 12.13
C12 D4K L . -2.76 -29.00 10.96
C01 D4K L . 4.88 -26.73 15.68
C03 D4K L . 3.24 -26.64 13.93
C04 D4K L . 3.73 -27.85 13.46
C05 D4K L . 3.07 -28.50 12.37
C06 D4K L . 1.97 -27.91 11.81
C07 D4K L . 1.48 -26.67 12.30
C08 D4K L . 0.24 -25.99 11.68
C09 D4K L . -0.81 -27.08 11.39
C15 D4K L . 0.63 -25.16 10.47
C17 D4K L . 0.53 -22.89 11.06
C18 D4K L . -0.87 -23.37 10.69
C19 D4K L . -0.71 -24.45 9.91
C20 D4K L . 2.12 -26.05 13.36
N16 D4K L . 1.42 -24.14 10.78
O02 D4K L . 3.86 -25.97 15.01
#